data_7FCT
#
_entry.id   7FCT
#
_cell.length_a   153.561
_cell.length_b   153.561
_cell.length_c   53.257
_cell.angle_alpha   90.000
_cell.angle_beta   90.000
_cell.angle_gamma   120.000
#
_symmetry.space_group_name_H-M   'P 31 2 1'
#
loop_
_entity.id
_entity.type
_entity.pdbx_description
1 polymer 'Metal beta-lactamase'
2 non-polymer 'ZINC ION'
3 non-polymer (4S)-2-METHYL-2,4-PENTANEDIOL
4 non-polymer GLYCEROL
5 water water
#
_entity_poly.entity_id   1
_entity_poly.type   'polypeptide(L)'
_entity_poly.pdbx_seq_one_letter_code
;MFKFIGCGSAFNTRLGNNSAYIKEDGILFMIDCGSANFDRIMRSDLLEGVEDIVVLMTHTHPDHVGSLGDLIFYSYFCMG
QVKVPNLTVYAPYDMKISKVLQGMGVERECYRLIQFDNSNEYPPGFHKDGFHIKFQVVPNRHVPELLCYGYLITYKDKTI
YYSGDANNISPFILRMLEDGEIDYFYQDTCQADYEGNVHLSLKKLSEMVWANRDRVYCMHLDGGFNREQAEELGFNVVQP
SYKFMI
;
_entity_poly.pdbx_strand_id   A,B
#
# COMPACT_ATOMS: atom_id res chain seq x y z
N MET A 1 -12.51 -16.52 -16.49
CA MET A 1 -12.22 -15.35 -17.33
C MET A 1 -11.11 -14.48 -16.76
N PHE A 2 -10.87 -14.59 -15.45
CA PHE A 2 -10.01 -13.64 -14.77
C PHE A 2 -8.57 -14.13 -14.74
N LYS A 3 -7.66 -13.18 -14.82
CA LYS A 3 -6.27 -13.42 -14.46
C LYS A 3 -5.97 -12.62 -13.19
N PHE A 4 -4.83 -12.90 -12.57
CA PHE A 4 -4.57 -12.31 -11.25
C PHE A 4 -3.25 -11.54 -11.25
N ILE A 5 -3.33 -10.25 -10.87
CA ILE A 5 -2.16 -9.45 -10.54
C ILE A 5 -1.48 -10.02 -9.31
N GLY A 6 -2.29 -10.45 -8.35
CA GLY A 6 -1.80 -11.18 -7.19
C GLY A 6 -2.93 -12.03 -6.64
N CYS A 7 -2.57 -12.97 -5.75
CA CYS A 7 -3.60 -13.88 -5.25
C CYS A 7 -3.31 -14.38 -3.85
N GLY A 8 -2.41 -13.72 -3.09
CA GLY A 8 -2.11 -14.16 -1.75
C GLY A 8 -2.97 -13.51 -0.69
N SER A 9 -2.96 -14.11 0.50
CA SER A 9 -3.52 -13.44 1.66
C SER A 9 -2.62 -12.25 2.03
N ALA A 10 -3.04 -11.49 3.05
CA ALA A 10 -2.34 -10.22 3.33
C ALA A 10 -0.87 -10.45 3.63
N PHE A 11 -0.53 -11.55 4.30
CA PHE A 11 0.87 -11.74 4.66
C PHE A 11 1.64 -12.53 3.63
N ASN A 12 0.98 -13.08 2.62
CA ASN A 12 1.63 -13.94 1.63
C ASN A 12 1.99 -13.11 0.39
N THR A 13 2.81 -12.07 0.61
CA THR A 13 3.00 -11.04 -0.41
C THR A 13 3.83 -11.52 -1.60
N ARG A 14 4.54 -12.64 -1.49
CA ARG A 14 5.22 -13.15 -2.68
C ARG A 14 4.25 -13.50 -3.79
N LEU A 15 2.97 -13.70 -3.46
CA LEU A 15 1.96 -14.00 -4.53
C LEU A 15 1.23 -12.72 -4.93
N GLY A 16 1.56 -11.62 -4.26
CA GLY A 16 0.86 -10.36 -4.47
C GLY A 16 -0.43 -10.30 -3.65
N ASN A 17 -1.05 -9.13 -3.61
CA ASN A 17 -2.35 -8.97 -2.94
C ASN A 17 -3.41 -9.53 -3.89
N ASN A 18 -4.51 -10.02 -3.32
CA ASN A 18 -5.54 -10.68 -4.13
C ASN A 18 -6.27 -9.66 -5.01
N SER A 19 -6.08 -9.79 -6.33
CA SER A 19 -6.68 -8.81 -7.26
C SER A 19 -6.77 -9.47 -8.62
N ALA A 20 -7.98 -9.53 -9.18
CA ALA A 20 -8.23 -10.12 -10.49
C ALA A 20 -8.33 -9.02 -11.55
N TYR A 21 -8.02 -9.38 -12.81
CA TYR A 21 -8.14 -8.36 -13.86
C TYR A 21 -8.57 -8.98 -15.18
N ILE A 22 -9.08 -8.09 -16.03
CA ILE A 22 -9.33 -8.31 -17.45
C ILE A 22 -8.69 -7.15 -18.18
N LYS A 23 -7.94 -7.44 -19.24
CA LYS A 23 -7.39 -6.37 -20.07
C LYS A 23 -7.81 -6.64 -21.50
N GLU A 24 -8.59 -5.71 -22.08
CA GLU A 24 -9.15 -5.92 -23.41
C GLU A 24 -9.54 -4.58 -24.01
N ASP A 25 -9.19 -4.38 -25.29
CA ASP A 25 -9.66 -3.21 -26.06
C ASP A 25 -9.24 -1.90 -25.38
N GLY A 26 -8.02 -1.85 -24.86
CA GLY A 26 -7.53 -0.66 -24.20
C GLY A 26 -8.12 -0.41 -22.81
N ILE A 27 -8.94 -1.31 -22.30
CA ILE A 27 -9.54 -1.18 -20.97
C ILE A 27 -8.82 -2.14 -20.04
N LEU A 28 -8.40 -1.64 -18.86
CA LEU A 28 -7.89 -2.50 -17.79
C LEU A 28 -8.92 -2.46 -16.67
N PHE A 29 -9.54 -3.61 -16.41
CA PHE A 29 -10.52 -3.76 -15.35
C PHE A 29 -9.90 -4.61 -14.27
N MET A 30 -9.97 -4.16 -13.03
CA MET A 30 -9.38 -4.86 -11.91
C MET A 30 -10.30 -4.80 -10.71
N ILE A 31 -10.26 -5.86 -9.91
CA ILE A 31 -10.95 -5.89 -8.62
C ILE A 31 -9.92 -5.68 -7.54
N ASP A 32 -10.08 -4.57 -6.80
CA ASP A 32 -9.20 -4.13 -5.73
C ASP A 32 -7.82 -3.70 -6.22
N CYS A 33 -7.06 -3.04 -5.34
CA CYS A 33 -5.68 -2.68 -5.66
C CYS A 33 -4.94 -2.56 -4.33
N GLY A 34 -4.57 -3.72 -3.78
CA GLY A 34 -3.91 -3.74 -2.48
C GLY A 34 -2.55 -3.09 -2.51
N SER A 35 -2.05 -2.80 -1.31
CA SER A 35 -0.78 -2.08 -1.14
C SER A 35 0.35 -2.66 -1.98
N ALA A 36 0.49 -3.98 -2.02
CA ALA A 36 1.66 -4.54 -2.71
C ALA A 36 1.59 -4.41 -4.23
N ASN A 37 0.43 -4.07 -4.78
CA ASN A 37 0.21 -4.39 -6.18
C ASN A 37 0.59 -3.28 -7.14
N PHE A 38 0.62 -2.01 -6.72
CA PHE A 38 1.05 -0.97 -7.65
C PHE A 38 2.47 -1.24 -8.16
N ASP A 39 3.38 -1.65 -7.27
CA ASP A 39 4.74 -1.97 -7.67
C ASP A 39 4.76 -3.15 -8.65
N ARG A 40 3.96 -4.18 -8.38
CA ARG A 40 3.86 -5.31 -9.30
C ARG A 40 3.41 -4.85 -10.67
N ILE A 41 2.37 -3.99 -10.70
CA ILE A 41 1.84 -3.46 -11.95
C ILE A 41 2.90 -2.66 -12.69
N MET A 42 3.61 -1.79 -11.96
CA MET A 42 4.60 -0.91 -12.59
C MET A 42 5.78 -1.69 -13.14
N ARG A 43 6.15 -2.80 -12.49
CA ARG A 43 7.26 -3.60 -12.98
C ARG A 43 6.88 -4.43 -14.19
N SER A 44 5.59 -4.57 -14.48
CA SER A 44 5.09 -5.30 -15.64
C SER A 44 4.79 -4.34 -16.80
N ASP A 45 4.32 -4.89 -17.92
CA ASP A 45 3.81 -4.06 -19.01
C ASP A 45 2.29 -3.97 -18.98
N LEU A 46 1.66 -4.24 -17.85
CA LEU A 46 0.21 -4.25 -17.80
C LEU A 46 -0.40 -2.92 -18.27
N LEU A 47 0.23 -1.80 -17.93
CA LEU A 47 -0.42 -0.53 -18.29
C LEU A 47 -0.13 -0.11 -19.72
N GLU A 48 0.69 -0.85 -20.45
CA GLU A 48 1.02 -0.49 -21.82
C GLU A 48 -0.21 -0.60 -22.71
N GLY A 49 -0.49 0.46 -23.48
CA GLY A 49 -1.66 0.43 -24.33
C GLY A 49 -2.99 0.59 -23.62
N VAL A 50 -3.01 0.90 -22.34
CA VAL A 50 -4.26 1.04 -21.62
C VAL A 50 -4.74 2.48 -21.71
N GLU A 51 -5.99 2.67 -22.12
CA GLU A 51 -6.60 3.99 -22.23
C GLU A 51 -7.41 4.36 -20.99
N ASP A 52 -8.07 3.38 -20.38
CA ASP A 52 -8.93 3.64 -19.23
C ASP A 52 -8.78 2.49 -18.25
N ILE A 53 -8.75 2.82 -16.97
CA ILE A 53 -8.68 1.83 -15.89
C ILE A 53 -10.00 1.87 -15.13
N VAL A 54 -10.48 0.70 -14.73
CA VAL A 54 -11.68 0.58 -13.92
C VAL A 54 -11.32 -0.29 -12.73
N VAL A 55 -11.59 0.18 -11.53
CA VAL A 55 -11.30 -0.59 -10.30
C VAL A 55 -12.62 -0.80 -9.57
N LEU A 56 -12.99 -2.06 -9.35
CA LEU A 56 -14.17 -2.44 -8.58
C LEU A 56 -13.70 -2.88 -7.19
N MET A 57 -14.29 -2.32 -6.14
CA MET A 57 -13.81 -2.53 -4.77
C MET A 57 -14.66 -3.55 -4.00
N THR A 58 -13.98 -4.47 -3.31
CA THR A 58 -14.68 -5.41 -2.42
C THR A 58 -14.69 -4.92 -0.98
N HIS A 59 -13.61 -4.28 -0.53
CA HIS A 59 -13.52 -3.71 0.83
C HIS A 59 -12.18 -3.00 0.95
N THR A 60 -11.97 -2.31 2.09
CA THR A 60 -10.87 -1.36 2.19
C THR A 60 -9.74 -1.80 3.13
N HIS A 61 -9.55 -3.11 3.36
CA HIS A 61 -8.33 -3.55 4.02
C HIS A 61 -7.10 -3.09 3.24
N PRO A 62 -5.94 -2.94 3.92
CA PRO A 62 -4.74 -2.44 3.22
C PRO A 62 -4.34 -3.30 2.03
N ASP A 63 -4.51 -4.64 2.12
CA ASP A 63 -4.20 -5.51 1.01
C ASP A 63 -5.30 -5.48 -0.08
N HIS A 64 -6.24 -4.53 0.00
CA HIS A 64 -7.20 -4.32 -1.08
C HIS A 64 -7.31 -2.89 -1.55
N VAL A 65 -6.84 -1.91 -0.77
CA VAL A 65 -6.94 -0.51 -1.21
C VAL A 65 -5.63 0.25 -1.02
N GLY A 66 -4.62 -0.37 -0.40
CA GLY A 66 -3.44 0.35 0.06
C GLY A 66 -2.65 1.08 -1.02
N SER A 67 -2.67 0.59 -2.26
CA SER A 67 -2.00 1.30 -3.36
C SER A 67 -2.96 1.80 -4.43
N LEU A 68 -4.28 1.76 -4.19
CA LEU A 68 -5.21 2.34 -5.16
C LEU A 68 -4.90 3.79 -5.38
N GLY A 69 -4.51 4.51 -4.32
CA GLY A 69 -4.18 5.92 -4.48
C GLY A 69 -2.93 6.14 -5.33
N ASP A 70 -1.94 5.26 -5.19
CA ASP A 70 -0.79 5.34 -6.07
C ASP A 70 -1.22 5.20 -7.52
N LEU A 71 -2.08 4.21 -7.79
CA LEU A 71 -2.50 3.97 -9.18
C LEU A 71 -3.37 5.12 -9.69
N ILE A 72 -4.25 5.66 -8.86
CA ILE A 72 -5.02 6.86 -9.25
C ILE A 72 -4.07 8.00 -9.61
N PHE A 73 -3.10 8.29 -8.74
CA PHE A 73 -2.17 9.38 -9.04
C PHE A 73 -1.40 9.10 -10.33
N TYR A 74 -0.89 7.87 -10.48
CA TYR A 74 -0.11 7.57 -11.68
C TYR A 74 -0.96 7.74 -12.95
N SER A 75 -2.20 7.24 -12.92
CA SER A 75 -3.04 7.36 -14.10
C SER A 75 -3.41 8.81 -14.37
N TYR A 76 -3.58 9.61 -13.32
CA TYR A 76 -3.96 11.02 -13.49
C TYR A 76 -2.82 11.85 -14.05
N PHE A 77 -1.60 11.65 -13.53
CA PHE A 77 -0.47 12.49 -13.87
C PHE A 77 0.37 11.96 -15.03
N CYS A 78 0.32 10.66 -15.31
CA CYS A 78 1.29 10.05 -16.22
C CYS A 78 0.71 9.28 -17.39
N MET A 79 -0.59 9.02 -17.43
CA MET A 79 -1.17 8.26 -18.53
C MET A 79 -2.05 9.16 -19.38
N GLY A 80 -1.82 9.11 -20.68
CA GLY A 80 -2.73 9.80 -21.58
C GLY A 80 -2.71 11.29 -21.35
N GLN A 81 -3.90 11.89 -21.33
CA GLN A 81 -3.98 13.33 -21.11
C GLN A 81 -3.67 13.63 -19.64
N VAL A 82 -2.53 14.31 -19.43
CA VAL A 82 -2.06 14.65 -18.08
C VAL A 82 -3.10 15.47 -17.34
N LYS A 83 -3.38 15.07 -16.09
CA LYS A 83 -4.28 15.81 -15.18
C LYS A 83 -5.73 15.79 -15.65
N VAL A 84 -6.10 14.73 -16.35
CA VAL A 84 -7.50 14.44 -16.61
C VAL A 84 -7.70 13.04 -16.01
N PRO A 85 -8.82 12.77 -15.34
CA PRO A 85 -9.05 11.42 -14.77
C PRO A 85 -9.01 10.34 -15.86
N ASN A 86 -8.28 9.27 -15.55
CA ASN A 86 -8.06 8.08 -16.35
C ASN A 86 -8.69 6.82 -15.76
N LEU A 87 -9.09 6.90 -14.50
CA LEU A 87 -9.44 5.72 -13.74
C LEU A 87 -10.81 5.93 -13.11
N THR A 88 -11.69 4.94 -13.22
CA THR A 88 -13.00 4.97 -12.58
C THR A 88 -13.05 3.94 -11.46
N VAL A 89 -13.36 4.38 -10.26
CA VAL A 89 -13.60 3.49 -9.13
C VAL A 89 -15.09 3.19 -9.05
N TYR A 90 -15.45 1.91 -8.91
CA TYR A 90 -16.82 1.49 -8.64
C TYR A 90 -16.89 0.96 -7.21
N ALA A 91 -17.86 1.42 -6.44
CA ALA A 91 -17.98 0.90 -5.08
C ALA A 91 -19.42 1.07 -4.57
N PRO A 92 -19.88 0.18 -3.71
CA PRO A 92 -21.15 0.43 -3.02
C PRO A 92 -21.08 1.73 -2.21
N TYR A 93 -22.20 2.47 -2.21
CA TYR A 93 -22.26 3.70 -1.44
C TYR A 93 -21.82 3.49 0.00
N ASP A 94 -22.25 2.39 0.61
CA ASP A 94 -22.01 2.21 2.04
C ASP A 94 -20.53 2.01 2.37
N MET A 95 -19.71 1.65 1.38
CA MET A 95 -18.28 1.50 1.62
C MET A 95 -17.60 2.83 1.94
N LYS A 96 -18.15 3.94 1.46
CA LYS A 96 -17.56 5.27 1.63
C LYS A 96 -16.11 5.29 1.15
N ILE A 97 -15.88 4.79 -0.07
CA ILE A 97 -14.51 4.68 -0.59
C ILE A 97 -13.84 6.05 -0.69
N SER A 98 -14.58 7.12 -1.00
CA SER A 98 -13.91 8.41 -1.14
C SER A 98 -13.33 8.90 0.18
N LYS A 99 -13.93 8.55 1.32
CA LYS A 99 -13.37 9.00 2.59
C LYS A 99 -12.03 8.31 2.85
N VAL A 100 -11.96 7.01 2.53
CA VAL A 100 -10.71 6.27 2.67
C VAL A 100 -9.65 6.90 1.79
N LEU A 101 -9.98 7.17 0.53
CA LEU A 101 -9.00 7.77 -0.38
C LEU A 101 -8.61 9.19 0.06
N GLN A 102 -9.57 9.98 0.53
CA GLN A 102 -9.27 11.32 1.01
C GLN A 102 -8.29 11.28 2.17
N GLY A 103 -8.41 10.26 3.03
CA GLY A 103 -7.48 10.12 4.14
C GLY A 103 -6.04 10.03 3.70
N MET A 104 -5.81 9.50 2.50
CA MET A 104 -4.47 9.45 1.95
C MET A 104 -4.19 10.56 0.94
N GLY A 105 -4.97 11.63 0.99
CA GLY A 105 -4.69 12.78 0.13
C GLY A 105 -5.12 12.62 -1.30
N VAL A 106 -5.96 11.63 -1.60
CA VAL A 106 -6.42 11.36 -2.95
C VAL A 106 -7.77 12.03 -3.12
N GLU A 107 -7.76 13.15 -3.81
CA GLU A 107 -8.98 13.96 -3.97
C GLU A 107 -9.84 13.49 -5.14
N ARG A 108 -11.11 13.86 -5.13
CA ARG A 108 -12.07 13.46 -6.17
C ARG A 108 -11.67 13.97 -7.55
N GLU A 109 -10.82 14.97 -7.68
CA GLU A 109 -10.49 15.46 -9.04
C GLU A 109 -9.62 14.46 -9.81
N CYS A 110 -8.89 13.59 -9.11
CA CYS A 110 -7.91 12.68 -9.72
C CYS A 110 -8.54 11.40 -10.30
N TYR A 111 -9.81 11.13 -10.02
CA TYR A 111 -10.44 9.89 -10.53
C TYR A 111 -11.94 10.07 -10.70
N ARG A 112 -12.60 9.15 -11.39
CA ARG A 112 -14.04 9.18 -11.50
C ARG A 112 -14.60 8.17 -10.52
N LEU A 113 -15.71 8.50 -9.87
CA LEU A 113 -16.27 7.63 -8.83
C LEU A 113 -17.72 7.31 -9.20
N ILE A 114 -18.03 6.03 -9.34
CA ILE A 114 -19.41 5.60 -9.56
C ILE A 114 -19.81 4.72 -8.39
N GLN A 115 -20.83 5.15 -7.65
CA GLN A 115 -21.29 4.40 -6.49
C GLN A 115 -22.70 3.88 -6.74
N PHE A 116 -23.03 2.81 -6.04
CA PHE A 116 -24.29 2.15 -6.33
C PHE A 116 -24.79 1.44 -5.08
N ASP A 117 -26.04 0.99 -5.12
CA ASP A 117 -26.54 0.17 -4.02
C ASP A 117 -26.57 -1.31 -4.39
N ASN A 118 -26.93 -1.65 -5.65
CA ASN A 118 -27.29 -3.01 -6.05
C ASN A 118 -26.51 -3.54 -7.23
N SER A 119 -26.30 -2.69 -8.23
CA SER A 119 -25.62 -3.14 -9.47
C SER A 119 -25.13 -1.93 -10.27
N ASN A 120 -24.25 -2.18 -11.21
CA ASN A 120 -23.78 -1.16 -12.16
C ASN A 120 -23.06 -1.88 -13.31
N GLU A 121 -22.42 -1.09 -14.15
CA GLU A 121 -21.75 -1.70 -15.30
C GLU A 121 -20.77 -0.68 -15.88
N TYR A 122 -19.90 -1.19 -16.72
CA TYR A 122 -18.94 -0.34 -17.42
C TYR A 122 -19.00 -0.65 -18.92
N GLY A 130 -16.87 -1.35 -27.19
CA GLY A 130 -16.41 -2.73 -27.28
C GLY A 130 -16.47 -3.51 -25.97
N PHE A 131 -15.78 -3.01 -24.96
CA PHE A 131 -15.75 -3.69 -23.65
C PHE A 131 -17.02 -3.44 -22.85
N HIS A 132 -17.69 -4.50 -22.41
CA HIS A 132 -18.90 -4.34 -21.58
C HIS A 132 -18.82 -5.28 -20.38
N ILE A 133 -19.10 -4.78 -19.19
CA ILE A 133 -19.09 -5.67 -17.98
C ILE A 133 -20.19 -5.20 -17.02
N LYS A 134 -20.86 -6.14 -16.39
CA LYS A 134 -21.94 -5.79 -15.44
C LYS A 134 -21.65 -6.48 -14.10
N PHE A 135 -22.03 -5.84 -13.01
CA PHE A 135 -21.81 -6.48 -11.70
C PHE A 135 -22.98 -6.19 -10.77
N GLN A 136 -23.27 -7.19 -9.97
CA GLN A 136 -24.35 -7.18 -9.01
C GLN A 136 -23.72 -7.42 -7.64
N VAL A 137 -24.06 -6.57 -6.67
CA VAL A 137 -23.42 -6.63 -5.35
C VAL A 137 -23.90 -7.85 -4.57
N VAL A 138 -22.98 -8.51 -3.87
CA VAL A 138 -23.31 -9.60 -2.95
C VAL A 138 -22.67 -9.28 -1.60
N PRO A 139 -23.40 -8.68 -0.67
CA PRO A 139 -22.82 -8.40 0.65
C PRO A 139 -22.32 -9.70 1.28
N ASN A 140 -21.10 -9.68 1.83
CA ASN A 140 -20.49 -10.88 2.40
C ASN A 140 -19.93 -10.59 3.78
N ARG A 141 -19.89 -11.63 4.61
CA ARG A 141 -19.32 -11.44 5.93
C ARG A 141 -17.82 -11.72 5.89
N HIS A 142 -17.05 -10.90 6.60
CA HIS A 142 -15.58 -11.02 6.59
C HIS A 142 -15.03 -10.54 7.92
N VAL A 143 -15.06 -9.23 8.16
CA VAL A 143 -14.64 -8.67 9.46
C VAL A 143 -15.71 -7.73 9.97
N PRO A 144 -15.84 -7.58 11.30
CA PRO A 144 -16.85 -6.64 11.83
C PRO A 144 -16.50 -5.18 11.62
N GLU A 145 -15.23 -4.84 11.35
CA GLU A 145 -14.81 -3.45 11.20
C GLU A 145 -15.21 -2.80 9.88
N LEU A 146 -15.55 -3.58 8.86
CA LEU A 146 -15.73 -3.05 7.52
C LEU A 146 -16.93 -3.69 6.85
N LEU A 147 -17.59 -2.94 5.97
CA LEU A 147 -18.60 -3.52 5.09
C LEU A 147 -17.88 -4.14 3.89
N CYS A 148 -18.13 -5.43 3.64
CA CYS A 148 -17.37 -6.20 2.65
C CYS A 148 -18.32 -6.85 1.66
N TYR A 149 -17.84 -7.00 0.42
CA TYR A 149 -18.70 -7.41 -0.68
C TYR A 149 -18.00 -8.39 -1.59
N GLY A 150 -18.78 -9.33 -2.14
CA GLY A 150 -18.45 -10.00 -3.37
C GLY A 150 -19.36 -9.52 -4.50
N TYR A 151 -19.21 -10.17 -5.65
CA TYR A 151 -19.96 -9.73 -6.83
C TYR A 151 -20.33 -10.90 -7.72
N LEU A 152 -21.49 -10.78 -8.36
CA LEU A 152 -21.85 -11.57 -9.53
C LEU A 152 -21.56 -10.70 -10.74
N ILE A 153 -20.73 -11.19 -11.64
CA ILE A 153 -20.18 -10.41 -12.73
C ILE A 153 -20.59 -11.08 -14.03
N THR A 154 -21.06 -10.30 -14.99
CA THR A 154 -21.40 -10.84 -16.30
C THR A 154 -20.43 -10.25 -17.30
N TYR A 155 -19.74 -11.12 -18.04
CA TYR A 155 -18.75 -10.68 -19.00
C TYR A 155 -18.69 -11.66 -20.15
N LYS A 156 -18.85 -11.17 -21.38
CA LYS A 156 -18.80 -12.02 -22.56
C LYS A 156 -19.70 -13.25 -22.39
N ASP A 157 -20.91 -13.01 -21.93
CA ASP A 157 -21.94 -14.04 -21.74
C ASP A 157 -21.53 -15.14 -20.76
N LYS A 158 -20.55 -14.89 -19.91
CA LYS A 158 -20.21 -15.78 -18.80
C LYS A 158 -20.61 -15.12 -17.49
N THR A 159 -21.02 -15.94 -16.52
CA THR A 159 -21.41 -15.50 -15.19
C THR A 159 -20.30 -15.88 -14.21
N ILE A 160 -19.74 -14.89 -13.51
CA ILE A 160 -18.59 -15.08 -12.65
C ILE A 160 -19.01 -14.69 -11.24
N TYR A 161 -18.72 -15.54 -10.26
CA TYR A 161 -18.85 -15.10 -8.88
C TYR A 161 -17.46 -14.82 -8.34
N TYR A 162 -17.31 -13.67 -7.67
CA TYR A 162 -16.04 -13.33 -7.06
C TYR A 162 -16.33 -12.94 -5.63
N SER A 163 -15.88 -13.78 -4.67
CA SER A 163 -16.29 -13.61 -3.29
C SER A 163 -15.78 -12.33 -2.63
N GLY A 164 -14.70 -11.72 -3.14
CA GLY A 164 -13.97 -10.78 -2.30
C GLY A 164 -13.39 -11.60 -1.13
N ASP A 165 -13.08 -10.89 -0.04
CA ASP A 165 -12.74 -11.59 1.20
C ASP A 165 -14.06 -11.97 1.87
N ALA A 166 -14.18 -13.24 2.28
CA ALA A 166 -15.47 -13.72 2.76
C ALA A 166 -15.25 -15.01 3.54
N ASN A 167 -16.06 -15.20 4.60
CA ASN A 167 -16.00 -16.43 5.38
C ASN A 167 -17.28 -17.25 5.22
N ASN A 168 -18.09 -16.94 4.22
CA ASN A 168 -19.31 -17.70 3.97
C ASN A 168 -19.68 -17.56 2.50
N ILE A 169 -20.68 -18.33 2.09
CA ILE A 169 -21.28 -18.26 0.77
C ILE A 169 -22.79 -18.20 0.97
N SER A 170 -23.42 -17.17 0.41
CA SER A 170 -24.87 -17.00 0.53
C SER A 170 -25.59 -18.20 -0.08
N PRO A 171 -26.66 -18.69 0.55
CA PRO A 171 -27.37 -19.85 -0.02
C PRO A 171 -27.79 -19.68 -1.46
N PHE A 172 -28.21 -18.48 -1.86
CA PHE A 172 -28.62 -18.32 -3.26
C PHE A 172 -27.43 -18.47 -4.21
N ILE A 173 -26.24 -18.02 -3.79
CA ILE A 173 -25.04 -18.20 -4.60
C ILE A 173 -24.64 -19.68 -4.67
N LEU A 174 -24.73 -20.40 -3.55
CA LEU A 174 -24.49 -21.84 -3.55
C LEU A 174 -25.42 -22.55 -4.52
N ARG A 175 -26.71 -22.18 -4.50
CA ARG A 175 -27.67 -22.81 -5.40
C ARG A 175 -27.34 -22.52 -6.85
N MET A 176 -26.99 -21.27 -7.16
CA MET A 176 -26.56 -20.95 -8.52
C MET A 176 -25.40 -21.84 -8.95
N LEU A 177 -24.40 -22.02 -8.07
CA LEU A 177 -23.26 -22.87 -8.42
C LEU A 177 -23.72 -24.31 -8.66
N GLU A 178 -24.54 -24.83 -7.75
CA GLU A 178 -25.01 -26.21 -7.87
C GLU A 178 -25.82 -26.42 -9.14
N ASP A 179 -26.60 -25.41 -9.53
CA ASP A 179 -27.47 -25.51 -10.71
C ASP A 179 -26.75 -25.20 -12.01
N GLY A 180 -25.44 -24.96 -11.99
CA GLY A 180 -24.72 -24.69 -13.22
C GLY A 180 -24.84 -23.28 -13.76
N GLU A 181 -25.32 -22.32 -12.95
CA GLU A 181 -25.55 -20.97 -13.41
C GLU A 181 -24.35 -20.04 -13.18
N ILE A 182 -23.28 -20.53 -12.57
CA ILE A 182 -22.06 -19.75 -12.41
C ILE A 182 -20.95 -20.47 -13.16
N ASP A 183 -20.36 -19.78 -14.15
CA ASP A 183 -19.32 -20.40 -14.97
C ASP A 183 -17.96 -20.42 -14.27
N TYR A 184 -17.63 -19.37 -13.51
CA TYR A 184 -16.37 -19.29 -12.79
C TYR A 184 -16.67 -18.76 -11.40
N PHE A 185 -16.22 -19.48 -10.38
CA PHE A 185 -16.58 -19.22 -8.99
C PHE A 185 -15.28 -18.99 -8.22
N TYR A 186 -14.91 -17.73 -7.97
CA TYR A 186 -13.66 -17.39 -7.29
C TYR A 186 -13.94 -17.19 -5.81
N GLN A 187 -13.25 -17.95 -4.95
CA GLN A 187 -13.57 -18.00 -3.52
C GLN A 187 -12.32 -17.80 -2.69
N ASP A 188 -12.35 -16.78 -1.83
CA ASP A 188 -11.39 -16.62 -0.76
C ASP A 188 -11.35 -17.89 0.08
N THR A 189 -10.20 -18.57 0.09
CA THR A 189 -10.03 -19.82 0.83
C THR A 189 -8.73 -19.80 1.63
N CYS A 190 -8.76 -20.37 2.85
CA CYS A 190 -7.56 -20.44 3.66
C CYS A 190 -7.42 -21.85 4.22
N GLN A 191 -6.21 -22.18 4.67
CA GLN A 191 -6.01 -23.50 5.30
C GLN A 191 -6.56 -23.53 6.72
N ALA A 192 -6.35 -22.45 7.48
CA ALA A 192 -6.74 -22.41 8.89
C ALA A 192 -8.25 -22.58 9.05
N ASP A 193 -8.66 -23.30 10.11
CA ASP A 193 -10.06 -23.60 10.39
C ASP A 193 -10.29 -23.34 11.88
N TYR A 194 -11.00 -22.25 12.21
CA TYR A 194 -11.14 -21.87 13.61
C TYR A 194 -12.39 -21.01 13.79
N GLU A 195 -12.92 -21.01 15.01
CA GLU A 195 -14.11 -20.22 15.32
C GLU A 195 -13.83 -18.74 15.06
N GLY A 196 -14.76 -18.08 14.38
CA GLY A 196 -14.57 -16.68 14.09
C GLY A 196 -13.65 -16.39 12.93
N ASN A 197 -13.25 -17.41 12.17
CA ASN A 197 -12.41 -17.21 10.99
C ASN A 197 -12.97 -16.11 10.09
N VAL A 198 -12.08 -15.20 9.64
CA VAL A 198 -12.49 -14.12 8.75
C VAL A 198 -12.42 -14.53 7.27
N HIS A 199 -11.95 -15.74 7.00
CA HIS A 199 -11.95 -16.32 5.66
C HIS A 199 -12.60 -17.70 5.69
N LEU A 200 -12.98 -18.20 4.52
CA LEU A 200 -13.59 -19.52 4.41
C LEU A 200 -12.50 -20.60 4.37
N SER A 201 -12.53 -21.54 5.32
CA SER A 201 -11.53 -22.60 5.31
C SER A 201 -11.76 -23.56 4.16
N LEU A 202 -10.68 -24.18 3.71
CA LEU A 202 -10.80 -25.21 2.67
C LEU A 202 -11.73 -26.34 3.12
N LYS A 203 -11.63 -26.74 4.40
CA LYS A 203 -12.55 -27.77 4.92
C LYS A 203 -14.00 -27.37 4.76
N LYS A 204 -14.35 -26.15 5.19
CA LYS A 204 -15.72 -25.70 5.06
C LYS A 204 -16.14 -25.60 3.60
N LEU A 205 -15.27 -25.08 2.73
CA LEU A 205 -15.61 -25.04 1.31
C LEU A 205 -15.94 -26.44 0.80
N SER A 206 -15.15 -27.45 1.20
CA SER A 206 -15.40 -28.80 0.73
C SER A 206 -16.72 -29.35 1.27
N GLU A 207 -17.11 -28.92 2.47
CA GLU A 207 -18.40 -29.36 3.02
C GLU A 207 -19.59 -28.67 2.36
N MET A 208 -19.40 -27.46 1.85
CA MET A 208 -20.51 -26.65 1.31
C MET A 208 -20.72 -26.90 -0.18
N VAL A 209 -19.65 -27.29 -0.86
CA VAL A 209 -19.68 -27.44 -2.33
C VAL A 209 -19.42 -28.88 -2.73
N TRP A 210 -20.40 -29.50 -3.37
CA TRP A 210 -20.20 -30.89 -3.84
C TRP A 210 -20.25 -30.91 -5.37
N ALA A 211 -21.20 -30.21 -5.98
CA ALA A 211 -21.32 -30.21 -7.45
C ALA A 211 -20.50 -29.07 -8.07
N ASN A 212 -20.02 -29.27 -9.28
CA ASN A 212 -19.30 -28.25 -10.05
C ASN A 212 -18.05 -27.74 -9.30
N ARG A 213 -17.43 -28.57 -8.47
CA ARG A 213 -16.16 -28.12 -7.87
C ARG A 213 -15.15 -27.71 -8.93
N ASP A 214 -15.26 -28.26 -10.14
CA ASP A 214 -14.31 -27.93 -11.19
C ASP A 214 -14.45 -26.48 -11.65
N ARG A 215 -15.51 -25.78 -11.25
CA ARG A 215 -15.69 -24.38 -11.59
C ARG A 215 -15.29 -23.47 -10.43
N VAL A 216 -14.74 -24.03 -9.35
CA VAL A 216 -14.40 -23.27 -8.15
C VAL A 216 -12.90 -23.04 -8.14
N TYR A 217 -12.49 -21.80 -7.89
CA TYR A 217 -11.10 -21.35 -7.95
C TYR A 217 -10.77 -20.75 -6.60
N CYS A 218 -9.83 -21.38 -5.88
CA CYS A 218 -9.43 -20.93 -4.56
C CYS A 218 -8.45 -19.77 -4.71
N MET A 219 -8.70 -18.65 -4.03
CA MET A 219 -7.84 -17.47 -4.14
C MET A 219 -7.61 -16.91 -2.74
N HIS A 220 -6.84 -15.81 -2.68
CA HIS A 220 -6.46 -15.18 -1.42
C HIS A 220 -5.74 -16.19 -0.53
N LEU A 221 -4.72 -16.85 -1.10
CA LEU A 221 -4.15 -18.05 -0.48
C LEU A 221 -3.15 -17.69 0.61
N ASP A 222 -3.30 -18.30 1.79
CA ASP A 222 -2.35 -18.03 2.86
C ASP A 222 -1.09 -18.88 2.68
N GLY A 223 -0.06 -18.57 3.47
CA GLY A 223 1.21 -19.23 3.28
C GLY A 223 1.14 -20.72 3.54
N GLY A 224 0.22 -21.15 4.38
CA GLY A 224 0.04 -22.55 4.69
C GLY A 224 -0.90 -23.32 3.76
N PHE A 225 -1.37 -22.71 2.69
CA PHE A 225 -2.45 -23.31 1.91
C PHE A 225 -1.95 -24.59 1.23
N ASN A 226 -2.73 -25.66 1.34
CA ASN A 226 -2.30 -26.97 0.85
C ASN A 226 -2.89 -27.15 -0.56
N ARG A 227 -2.14 -26.69 -1.57
CA ARG A 227 -2.65 -26.72 -2.93
C ARG A 227 -2.89 -28.15 -3.39
N GLU A 228 -2.03 -29.08 -2.97
CA GLU A 228 -2.22 -30.46 -3.38
C GLU A 228 -3.53 -31.01 -2.81
N GLN A 229 -3.86 -30.67 -1.56
CA GLN A 229 -5.13 -31.12 -0.99
C GLN A 229 -6.31 -30.49 -1.72
N ALA A 230 -6.24 -29.19 -2.02
CA ALA A 230 -7.32 -28.55 -2.74
C ALA A 230 -7.54 -29.23 -4.10
N GLU A 231 -6.46 -29.55 -4.80
CA GLU A 231 -6.60 -30.22 -6.09
C GLU A 231 -7.13 -31.64 -5.92
N GLU A 232 -6.69 -32.36 -4.89
CA GLU A 232 -7.24 -33.69 -4.64
C GLU A 232 -8.75 -33.63 -4.45
N LEU A 233 -9.23 -32.59 -3.77
CA LEU A 233 -10.67 -32.42 -3.56
C LEU A 233 -11.43 -32.01 -4.82
N GLY A 234 -10.74 -31.61 -5.88
CA GLY A 234 -11.39 -31.27 -7.13
C GLY A 234 -11.50 -29.78 -7.39
N PHE A 235 -10.90 -28.94 -6.55
CA PHE A 235 -10.91 -27.50 -6.73
C PHE A 235 -9.71 -27.05 -7.58
N ASN A 236 -9.86 -25.89 -8.18
CA ASN A 236 -8.75 -25.22 -8.85
C ASN A 236 -8.07 -24.27 -7.87
N VAL A 237 -6.78 -24.04 -8.09
CA VAL A 237 -5.98 -23.13 -7.26
C VAL A 237 -5.48 -22.01 -8.16
N VAL A 238 -5.78 -20.77 -7.80
CA VAL A 238 -5.35 -19.63 -8.61
C VAL A 238 -3.86 -19.38 -8.41
N GLN A 239 -3.23 -18.75 -9.39
CA GLN A 239 -1.87 -18.27 -9.24
C GLN A 239 -1.78 -16.94 -9.98
N PRO A 240 -0.74 -16.13 -9.71
CA PRO A 240 -0.59 -14.88 -10.46
C PRO A 240 -0.42 -15.21 -11.94
N SER A 241 -0.86 -14.31 -12.80
CA SER A 241 -0.64 -14.58 -14.21
C SER A 241 0.86 -14.60 -14.50
N TYR A 242 1.25 -15.28 -15.58
CA TYR A 242 2.69 -15.41 -15.87
C TYR A 242 3.35 -14.05 -16.09
N LYS A 243 2.59 -13.05 -16.49
CA LYS A 243 3.12 -11.69 -16.57
C LYS A 243 3.72 -11.25 -15.26
N PHE A 244 3.17 -11.71 -14.14
CA PHE A 244 3.62 -11.26 -12.82
C PHE A 244 4.53 -12.27 -12.14
N MET A 245 4.87 -13.38 -12.80
CA MET A 245 5.77 -14.37 -12.22
C MET A 245 7.16 -14.38 -12.83
N MET B 1 23.21 8.47 9.71
CA MET B 1 22.82 7.40 10.62
C MET B 1 21.80 6.45 9.97
N PHE B 2 21.09 6.89 8.93
CA PHE B 2 19.95 6.14 8.43
C PHE B 2 20.33 5.22 7.29
N LYS B 3 19.67 4.07 7.23
CA LYS B 3 19.61 3.26 6.02
C LYS B 3 18.19 3.31 5.47
N PHE B 4 18.01 2.86 4.23
CA PHE B 4 16.70 3.01 3.57
C PHE B 4 16.09 1.68 3.11
N ILE B 5 14.84 1.44 3.53
CA ILE B 5 14.06 0.30 3.02
C ILE B 5 13.73 0.61 1.56
N GLY B 6 13.41 1.87 1.31
CA GLY B 6 13.13 2.41 -0.03
C GLY B 6 13.51 3.87 -0.11
N CYS B 7 13.74 4.38 -1.31
CA CYS B 7 14.14 5.81 -1.41
C CYS B 7 13.63 6.46 -2.68
N GLY B 8 12.60 5.90 -3.32
CA GLY B 8 12.15 6.52 -4.55
C GLY B 8 10.98 7.43 -4.27
N SER B 9 10.56 8.14 -5.31
CA SER B 9 9.30 8.93 -5.29
C SER B 9 8.13 7.94 -5.51
N ALA B 10 6.92 8.45 -5.49
CA ALA B 10 5.75 7.56 -5.53
C ALA B 10 5.75 6.68 -6.77
N PHE B 11 6.20 7.20 -7.91
CA PHE B 11 6.09 6.37 -9.11
C PHE B 11 7.37 5.58 -9.40
N ASN B 12 8.45 5.83 -8.65
CA ASN B 12 9.74 5.20 -8.90
C ASN B 12 9.90 3.97 -7.98
N THR B 13 8.96 3.03 -8.11
CA THR B 13 8.84 1.97 -7.10
C THR B 13 9.95 0.92 -7.16
N ARG B 14 10.75 0.94 -8.20
CA ARG B 14 11.90 0.01 -8.22
C ARG B 14 12.86 0.33 -7.05
N LEU B 15 12.87 1.58 -6.57
CA LEU B 15 13.76 1.95 -5.43
C LEU B 15 13.03 1.78 -4.10
N GLY B 16 11.75 1.42 -4.19
CA GLY B 16 10.85 1.30 -3.04
C GLY B 16 10.31 2.68 -2.63
N ASN B 17 9.36 2.69 -1.71
CA ASN B 17 8.84 3.98 -1.21
C ASN B 17 9.86 4.57 -0.22
N ASN B 18 9.85 5.87 -0.10
CA ASN B 18 10.88 6.55 0.73
C ASN B 18 10.65 6.25 2.21
N SER B 19 11.60 5.54 2.82
CA SER B 19 11.47 5.14 4.22
C SER B 19 12.85 4.80 4.77
N ALA B 20 13.26 5.48 5.83
CA ALA B 20 14.55 5.29 6.49
C ALA B 20 14.39 4.40 7.71
N TYR B 21 15.44 3.70 8.11
CA TYR B 21 15.33 2.85 9.30
C TYR B 21 16.65 2.81 10.06
N ILE B 22 16.50 2.44 11.35
CA ILE B 22 17.57 2.08 12.26
C ILE B 22 17.16 0.75 12.88
N LYS B 23 18.07 -0.21 12.91
CA LYS B 23 17.78 -1.49 13.59
C LYS B 23 18.91 -1.71 14.60
N GLU B 24 18.54 -1.82 15.87
CA GLU B 24 19.55 -1.95 16.92
C GLU B 24 18.89 -2.55 18.14
N ASP B 25 19.55 -3.53 18.75
CA ASP B 25 19.13 -4.07 20.05
C ASP B 25 17.69 -4.59 20.02
N GLY B 26 17.34 -5.29 18.95
CA GLY B 26 16.00 -5.84 18.83
C GLY B 26 14.92 -4.83 18.52
N ILE B 27 15.27 -3.57 18.29
CA ILE B 27 14.31 -2.53 17.94
C ILE B 27 14.48 -2.21 16.46
N LEU B 28 13.36 -2.15 15.74
CA LEU B 28 13.35 -1.64 14.37
C LEU B 28 12.59 -0.32 14.38
N PHE B 29 13.28 0.77 14.05
CA PHE B 29 12.72 2.10 13.93
C PHE B 29 12.69 2.47 12.47
N MET B 30 11.54 2.94 12.00
CA MET B 30 11.42 3.34 10.58
C MET B 30 10.58 4.60 10.45
N ILE B 31 10.87 5.40 9.44
CA ILE B 31 10.05 6.59 9.14
C ILE B 31 9.20 6.24 7.93
N ASP B 32 7.89 6.19 8.14
CA ASP B 32 6.87 5.87 7.13
C ASP B 32 6.85 4.36 6.80
N CYS B 33 5.77 3.98 6.15
CA CYS B 33 5.66 2.61 5.62
C CYS B 33 4.73 2.70 4.41
N GLY B 34 5.26 3.13 3.27
CA GLY B 34 4.50 3.27 2.02
C GLY B 34 3.99 1.94 1.48
N SER B 35 2.97 2.04 0.63
CA SER B 35 2.32 0.87 0.01
C SER B 35 3.30 -0.21 -0.47
N ALA B 36 4.37 0.20 -1.12
CA ALA B 36 5.26 -0.82 -1.69
C ALA B 36 6.13 -1.54 -0.66
N ASN B 37 6.20 -1.06 0.57
CA ASN B 37 7.34 -1.44 1.40
C ASN B 37 7.10 -2.67 2.26
N PHE B 38 5.86 -3.00 2.62
CA PHE B 38 5.69 -4.22 3.43
C PHE B 38 6.21 -5.44 2.68
N ASP B 39 5.92 -5.55 1.39
CA ASP B 39 6.45 -6.67 0.62
C ASP B 39 7.98 -6.65 0.61
N ARG B 40 8.58 -5.47 0.42
CA ARG B 40 10.05 -5.41 0.47
C ARG B 40 10.58 -5.90 1.82
N ILE B 41 9.95 -5.46 2.89
CA ILE B 41 10.37 -5.88 4.23
C ILE B 41 10.24 -7.40 4.37
N MET B 42 9.11 -7.95 3.92
CA MET B 42 8.84 -9.39 4.07
C MET B 42 9.80 -10.24 3.26
N ARG B 43 10.24 -9.74 2.10
CA ARG B 43 11.21 -10.46 1.27
C ARG B 43 12.63 -10.37 1.81
N SER B 44 12.89 -9.45 2.73
CA SER B 44 14.20 -9.31 3.37
C SER B 44 14.21 -10.07 4.69
N ASP B 45 15.34 -10.06 5.38
CA ASP B 45 15.37 -10.57 6.74
C ASP B 45 15.32 -9.44 7.77
N LEU B 46 14.83 -8.26 7.39
CA LEU B 46 14.86 -7.12 8.30
C LEU B 46 14.14 -7.42 9.61
N LEU B 47 13.04 -8.19 9.58
CA LEU B 47 12.31 -8.39 10.83
C LEU B 47 12.90 -9.50 11.71
N GLU B 48 13.93 -10.18 11.23
CA GLU B 48 14.54 -11.25 12.01
C GLU B 48 15.15 -10.68 13.28
N GLY B 49 14.81 -11.27 14.43
CA GLY B 49 15.37 -10.81 15.68
C GLY B 49 14.79 -9.52 16.22
N VAL B 50 13.72 -9.02 15.61
CA VAL B 50 13.11 -7.77 16.03
C VAL B 50 12.04 -8.07 17.08
N GLU B 51 12.14 -7.38 18.21
CA GLU B 51 11.19 -7.53 19.30
C GLU B 51 10.11 -6.46 19.24
N ASP B 52 10.50 -5.25 18.84
CA ASP B 52 9.58 -4.13 18.85
C ASP B 52 9.82 -3.29 17.61
N ILE B 53 8.74 -2.82 17.00
CA ILE B 53 8.81 -1.93 15.83
C ILE B 53 8.30 -0.56 16.23
N VAL B 54 8.95 0.48 15.72
CA VAL B 54 8.53 1.86 15.94
C VAL B 54 8.44 2.52 14.57
N VAL B 55 7.30 3.13 14.26
CA VAL B 55 7.10 3.83 12.98
C VAL B 55 6.78 5.28 13.28
N LEU B 56 7.60 6.19 12.74
CA LEU B 56 7.37 7.63 12.85
C LEU B 56 6.80 8.12 11.52
N MET B 57 5.69 8.85 11.56
CA MET B 57 4.96 9.22 10.34
C MET B 57 5.24 10.65 9.90
N THR B 58 5.48 10.84 8.59
CA THR B 58 5.63 12.19 8.05
C THR B 58 4.33 12.73 7.44
N HIS B 59 3.53 11.88 6.80
CA HIS B 59 2.25 12.25 6.20
C HIS B 59 1.62 10.98 5.64
N THR B 60 0.37 11.09 5.18
CA THR B 60 -0.41 9.88 4.89
C THR B 60 -0.69 9.68 3.39
N HIS B 61 0.18 10.19 2.50
CA HIS B 61 0.11 9.74 1.12
C HIS B 61 0.27 8.21 1.02
N PRO B 62 -0.25 7.60 -0.05
CA PRO B 62 -0.17 6.14 -0.15
C PRO B 62 1.25 5.61 -0.11
N ASP B 63 2.21 6.33 -0.71
CA ASP B 63 3.60 5.89 -0.69
C ASP B 63 4.27 6.17 0.67
N HIS B 64 3.47 6.53 1.69
CA HIS B 64 3.98 6.69 3.04
C HIS B 64 3.17 5.97 4.11
N VAL B 65 1.91 5.61 3.84
CA VAL B 65 1.10 4.93 4.85
C VAL B 65 0.41 3.70 4.28
N GLY B 66 0.54 3.47 2.96
CA GLY B 66 -0.31 2.48 2.29
C GLY B 66 -0.17 1.05 2.79
N SER B 67 1.02 0.66 3.27
CA SER B 67 1.15 -0.70 3.86
C SER B 67 1.46 -0.68 5.34
N LEU B 68 1.35 0.48 6.00
CA LEU B 68 1.49 0.48 7.45
C LEU B 68 0.48 -0.48 8.08
N GLY B 69 -0.74 -0.54 7.54
CA GLY B 69 -1.72 -1.46 8.11
C GLY B 69 -1.33 -2.91 7.96
N ASP B 70 -0.75 -3.27 6.80
CA ASP B 70 -0.24 -4.63 6.64
C ASP B 70 0.80 -4.95 7.70
N LEU B 71 1.73 -4.02 7.91
CA LEU B 71 2.80 -4.26 8.89
C LEU B 71 2.23 -4.32 10.31
N ILE B 72 1.26 -3.46 10.62
CA ILE B 72 0.60 -3.53 11.92
C ILE B 72 -0.04 -4.90 12.11
N PHE B 73 -0.82 -5.35 11.14
CA PHE B 73 -1.46 -6.66 11.26
C PHE B 73 -0.42 -7.76 11.38
N TYR B 74 0.62 -7.71 10.56
CA TYR B 74 1.63 -8.78 10.63
C TYR B 74 2.30 -8.81 12.00
N SER B 75 2.68 -7.64 12.53
CA SER B 75 3.37 -7.64 13.80
C SER B 75 2.43 -8.10 14.92
N TYR B 76 1.15 -7.77 14.81
CA TYR B 76 0.18 -8.17 15.84
C TYR B 76 -0.10 -9.67 15.81
N PHE B 77 -0.27 -10.25 14.62
CA PHE B 77 -0.71 -11.64 14.53
C PHE B 77 0.45 -12.63 14.45
N CYS B 78 1.62 -12.20 14.02
CA CYS B 78 2.69 -13.14 13.63
C CYS B 78 4.02 -12.94 14.32
N MET B 79 4.22 -11.86 15.07
CA MET B 79 5.51 -11.59 15.66
C MET B 79 5.38 -11.74 17.17
N GLY B 80 6.29 -12.50 17.78
CA GLY B 80 6.32 -12.55 19.24
C GLY B 80 5.03 -13.13 19.78
N GLN B 81 4.52 -12.52 20.85
CA GLN B 81 3.27 -12.98 21.43
C GLN B 81 2.11 -12.62 20.50
N VAL B 82 1.42 -13.65 19.98
CA VAL B 82 0.33 -13.47 19.03
C VAL B 82 -0.79 -12.63 19.65
N LYS B 83 -1.27 -11.64 18.89
CA LYS B 83 -2.41 -10.79 19.24
C LYS B 83 -2.12 -9.90 20.44
N VAL B 84 -0.86 -9.55 20.63
CA VAL B 84 -0.47 -8.48 21.52
C VAL B 84 0.30 -7.49 20.64
N PRO B 85 0.08 -6.19 20.76
CA PRO B 85 0.82 -5.23 19.94
C PRO B 85 2.33 -5.24 20.20
N ASN B 86 3.10 -5.22 19.11
CA ASN B 86 4.53 -4.96 19.25
C ASN B 86 5.01 -3.87 18.28
N LEU B 87 4.10 -3.05 17.78
CA LEU B 87 4.45 -1.92 16.92
C LEU B 87 3.88 -0.66 17.55
N THR B 88 4.71 0.38 17.66
CA THR B 88 4.28 1.68 18.15
C THR B 88 4.38 2.66 16.99
N VAL B 89 3.26 3.33 16.67
CA VAL B 89 3.23 4.46 15.73
C VAL B 89 3.39 5.76 16.51
N TYR B 90 4.28 6.65 16.04
CA TYR B 90 4.39 8.01 16.54
C TYR B 90 3.91 8.95 15.45
N ALA B 91 2.99 9.84 15.80
CA ALA B 91 2.53 10.81 14.81
C ALA B 91 2.06 12.09 15.48
N PRO B 92 2.23 13.23 14.82
CA PRO B 92 1.57 14.45 15.32
C PRO B 92 0.07 14.23 15.45
N TYR B 93 -0.50 14.74 16.54
CA TYR B 93 -1.92 14.57 16.78
C TYR B 93 -2.76 15.05 15.59
N ASP B 94 -2.37 16.17 14.97
CA ASP B 94 -3.20 16.76 13.90
C ASP B 94 -3.23 15.90 12.65
N MET B 95 -2.30 14.96 12.51
CA MET B 95 -2.32 14.07 11.35
C MET B 95 -3.52 13.13 11.37
N LYS B 96 -4.08 12.82 12.55
CA LYS B 96 -5.21 11.90 12.68
C LYS B 96 -4.90 10.55 12.03
N ILE B 97 -3.73 9.99 12.37
CA ILE B 97 -3.28 8.75 11.74
C ILE B 97 -4.25 7.61 12.04
N SER B 98 -4.87 7.62 13.23
CA SER B 98 -5.79 6.52 13.52
C SER B 98 -6.99 6.54 12.61
N LYS B 99 -7.44 7.72 12.18
CA LYS B 99 -8.60 7.75 11.29
C LYS B 99 -8.26 7.18 9.93
N VAL B 100 -7.06 7.48 9.43
CA VAL B 100 -6.61 6.87 8.19
C VAL B 100 -6.56 5.36 8.32
N LEU B 101 -5.96 4.87 9.41
CA LEU B 101 -5.85 3.42 9.58
C LEU B 101 -7.22 2.77 9.76
N GLN B 102 -8.12 3.39 10.52
CA GLN B 102 -9.46 2.83 10.70
C GLN B 102 -10.21 2.74 9.38
N GLY B 103 -9.98 3.70 8.47
CA GLY B 103 -10.63 3.60 7.16
C GLY B 103 -10.29 2.30 6.44
N MET B 104 -9.11 1.73 6.73
CA MET B 104 -8.67 0.44 6.21
C MET B 104 -8.89 -0.70 7.21
N GLY B 105 -9.74 -0.49 8.20
CA GLY B 105 -10.07 -1.58 9.10
C GLY B 105 -9.02 -1.92 10.13
N VAL B 106 -8.04 -1.04 10.33
CA VAL B 106 -6.95 -1.24 11.28
C VAL B 106 -7.32 -0.53 12.58
N GLU B 107 -7.68 -1.32 13.60
CA GLU B 107 -8.15 -0.75 14.85
C GLU B 107 -7.02 -0.58 15.88
N ARG B 108 -7.30 0.26 16.88
CA ARG B 108 -6.27 0.61 17.86
C ARG B 108 -5.77 -0.58 18.66
N GLU B 109 -6.56 -1.66 18.78
CA GLU B 109 -6.09 -2.81 19.56
C GLU B 109 -4.87 -3.45 18.93
N CYS B 110 -4.61 -3.20 17.64
CA CYS B 110 -3.53 -3.91 16.95
C CYS B 110 -2.16 -3.27 17.10
N TYR B 111 -2.07 -2.06 17.67
CA TYR B 111 -0.80 -1.37 17.76
C TYR B 111 -0.87 -0.38 18.92
N ARG B 112 0.28 0.22 19.25
CA ARG B 112 0.32 1.32 20.22
C ARG B 112 0.49 2.62 19.45
N LEU B 113 -0.23 3.66 19.86
CA LEU B 113 -0.19 4.95 19.13
C LEU B 113 0.17 6.04 20.12
N ILE B 114 1.26 6.75 19.85
CA ILE B 114 1.69 7.88 20.67
C ILE B 114 1.63 9.12 19.79
N GLN B 115 0.81 10.08 20.23
CA GLN B 115 0.60 11.30 19.47
C GLN B 115 1.10 12.49 20.27
N PHE B 116 1.46 13.53 19.53
CA PHE B 116 2.09 14.66 20.22
C PHE B 116 1.83 15.94 19.45
N ASP B 117 2.14 17.07 20.07
CA ASP B 117 2.05 18.30 19.30
C ASP B 117 3.40 18.79 18.78
N ASN B 118 4.46 18.63 19.57
CA ASN B 118 5.75 19.26 19.29
C ASN B 118 6.91 18.27 19.28
N SER B 119 6.93 17.32 20.21
CA SER B 119 8.08 16.42 20.32
C SER B 119 7.69 15.18 21.10
N ASN B 120 8.52 14.16 20.98
CA ASN B 120 8.36 12.97 21.82
C ASN B 120 9.62 12.13 21.70
N GLU B 121 9.57 10.90 22.23
CA GLU B 121 10.77 10.06 22.21
C GLU B 121 10.36 8.62 22.40
N TYR B 122 11.28 7.72 22.03
CA TYR B 122 11.12 6.31 22.25
C TYR B 122 12.31 5.77 23.03
N GLY B 130 18.78 -0.21 25.56
CA GLY B 130 19.83 0.75 25.21
C GLY B 130 19.41 1.69 24.08
N PHE B 131 18.26 1.44 23.49
CA PHE B 131 17.82 2.23 22.31
C PHE B 131 17.07 3.48 22.75
N HIS B 132 17.55 4.64 22.33
CA HIS B 132 16.87 5.90 22.67
C HIS B 132 16.87 6.81 21.45
N ILE B 133 15.73 7.39 21.17
CA ILE B 133 15.66 8.34 20.05
C ILE B 133 14.65 9.42 20.39
N LYS B 134 14.95 10.67 20.00
CA LYS B 134 14.06 11.79 20.26
C LYS B 134 13.68 12.47 18.95
N PHE B 135 12.49 13.05 18.91
CA PHE B 135 12.16 13.78 17.69
C PHE B 135 11.31 15.01 17.98
N GLN B 136 11.56 16.02 17.15
CA GLN B 136 10.95 17.33 17.18
C GLN B 136 10.30 17.57 15.83
N VAL B 137 9.02 17.96 15.83
CA VAL B 137 8.27 18.19 14.60
C VAL B 137 8.79 19.42 13.87
N VAL B 138 8.86 19.34 12.54
CA VAL B 138 9.15 20.49 11.67
C VAL B 138 8.06 20.49 10.61
N PRO B 139 6.98 21.26 10.76
CA PRO B 139 5.95 21.29 9.73
C PRO B 139 6.55 21.74 8.41
N ASN B 140 6.23 21.02 7.32
CA ASN B 140 6.78 21.33 6.00
C ASN B 140 5.66 21.40 4.98
N ARG B 141 5.82 22.26 4.00
CA ARG B 141 4.83 22.35 2.94
C ARG B 141 5.12 21.28 1.90
N HIS B 142 4.05 20.65 1.41
CA HIS B 142 4.17 19.56 0.45
C HIS B 142 2.93 19.58 -0.43
N VAL B 143 1.79 19.17 0.13
CA VAL B 143 0.51 19.27 -0.57
C VAL B 143 -0.49 19.92 0.38
N PRO B 144 -1.44 20.70 -0.13
CA PRO B 144 -2.42 21.33 0.78
C PRO B 144 -3.45 20.36 1.34
N GLU B 145 -3.61 19.19 0.73
CA GLU B 145 -4.62 18.22 1.15
C GLU B 145 -4.26 17.54 2.47
N LEU B 146 -2.99 17.63 2.89
CA LEU B 146 -2.53 16.85 4.04
C LEU B 146 -1.60 17.69 4.89
N LEU B 147 -1.61 17.45 6.20
CA LEU B 147 -0.62 18.04 7.08
C LEU B 147 0.64 17.19 7.02
N CYS B 148 1.76 17.81 6.65
CA CYS B 148 2.98 17.08 6.35
C CYS B 148 4.14 17.60 7.20
N TYR B 149 5.04 16.69 7.55
CA TYR B 149 6.08 17.01 8.52
C TYR B 149 7.42 16.46 8.10
N GLY B 150 8.48 17.18 8.47
CA GLY B 150 9.78 16.59 8.72
C GLY B 150 10.08 16.60 10.21
N TYR B 151 11.32 16.22 10.55
CA TYR B 151 11.72 16.06 11.94
C TYR B 151 13.17 16.43 12.14
N LEU B 152 13.46 16.97 13.32
CA LEU B 152 14.81 16.98 13.88
C LEU B 152 14.88 15.81 14.85
N ILE B 153 15.82 14.92 14.62
CA ILE B 153 15.90 13.65 15.33
C ILE B 153 17.23 13.60 16.05
N THR B 154 17.22 13.18 17.32
CA THR B 154 18.45 13.03 18.08
C THR B 154 18.65 11.55 18.35
N TYR B 155 19.81 11.04 17.93
CA TYR B 155 20.13 9.62 18.05
C TYR B 155 21.63 9.47 18.23
N LYS B 156 22.04 8.79 19.30
CA LYS B 156 23.45 8.57 19.60
C LYS B 156 24.25 9.88 19.52
N ASP B 157 23.73 10.92 20.15
CA ASP B 157 24.38 12.24 20.20
C ASP B 157 24.60 12.86 18.82
N LYS B 158 23.89 12.39 17.80
CA LYS B 158 23.88 13.02 16.49
C LYS B 158 22.53 13.68 16.27
N THR B 159 22.56 14.81 15.54
CA THR B 159 21.36 15.54 15.17
C THR B 159 21.09 15.30 13.68
N ILE B 160 19.91 14.79 13.38
CA ILE B 160 19.54 14.39 12.03
C ILE B 160 18.34 15.22 11.62
N TYR B 161 18.38 15.82 10.44
CA TYR B 161 17.18 16.43 9.89
C TYR B 161 16.64 15.48 8.83
N TYR B 162 15.33 15.21 8.88
CA TYR B 162 14.68 14.36 7.88
C TYR B 162 13.47 15.11 7.35
N SER B 163 13.51 15.52 6.08
CA SER B 163 12.49 16.44 5.58
C SER B 163 11.09 15.82 5.49
N GLY B 164 10.96 14.50 5.40
CA GLY B 164 9.72 13.97 4.89
C GLY B 164 9.59 14.44 3.43
N ASP B 165 8.36 14.45 2.92
CA ASP B 165 8.11 15.06 1.62
C ASP B 165 7.98 16.56 1.85
N ALA B 166 8.68 17.36 1.06
CA ALA B 166 8.78 18.78 1.34
C ALA B 166 9.24 19.51 0.09
N ASN B 167 8.70 20.71 -0.12
CA ASN B 167 9.15 21.52 -1.26
C ASN B 167 9.90 22.76 -0.80
N ASN B 168 10.33 22.80 0.46
CA ASN B 168 11.10 23.95 0.95
C ASN B 168 11.92 23.50 2.14
N ILE B 169 12.82 24.38 2.59
CA ILE B 169 13.57 24.20 3.83
C ILE B 169 13.46 25.49 4.64
N SER B 170 13.04 25.36 5.88
CA SER B 170 12.95 26.53 6.74
C SER B 170 14.30 27.24 6.86
N PRO B 171 14.32 28.57 6.79
CA PRO B 171 15.59 29.29 6.98
C PRO B 171 16.26 28.96 8.28
N PHE B 172 15.49 28.62 9.33
CA PHE B 172 16.06 28.24 10.61
C PHE B 172 16.80 26.91 10.52
N ILE B 173 16.22 25.98 9.76
CA ILE B 173 16.86 24.68 9.53
C ILE B 173 18.09 24.86 8.65
N LEU B 174 17.99 25.71 7.62
CA LEU B 174 19.18 26.02 6.83
C LEU B 174 20.29 26.59 7.70
N ARG B 175 19.95 27.51 8.61
CA ARG B 175 20.98 28.08 9.47
C ARG B 175 21.64 27.01 10.31
N MET B 176 20.84 26.10 10.87
CA MET B 176 21.40 24.99 11.65
C MET B 176 22.41 24.22 10.80
N LEU B 177 22.04 23.92 9.55
CA LEU B 177 22.94 23.15 8.68
C LEU B 177 24.21 23.94 8.39
N GLU B 178 24.05 25.23 8.08
CA GLU B 178 25.20 26.07 7.74
C GLU B 178 26.17 26.18 8.91
N ASP B 179 25.64 26.24 10.13
CA ASP B 179 26.44 26.43 11.34
C ASP B 179 26.98 25.12 11.90
N GLY B 180 26.78 24.00 11.21
CA GLY B 180 27.31 22.72 11.69
C GLY B 180 26.49 22.03 12.74
N GLU B 181 25.23 22.43 12.95
CA GLU B 181 24.42 21.87 14.02
C GLU B 181 23.60 20.66 13.58
N ILE B 182 23.64 20.28 12.31
CA ILE B 182 22.95 19.09 11.82
C ILE B 182 24.00 18.16 11.24
N ASP B 183 24.10 16.94 11.78
CA ASP B 183 25.12 16.00 11.34
C ASP B 183 24.74 15.30 10.05
N TYR B 184 23.46 14.96 9.89
CA TYR B 184 22.94 14.29 8.71
C TYR B 184 21.65 14.98 8.29
N PHE B 185 21.59 15.40 7.03
CA PHE B 185 20.49 16.23 6.52
C PHE B 185 19.85 15.48 5.36
N TYR B 186 18.71 14.81 5.60
CA TYR B 186 18.03 14.03 4.57
C TYR B 186 16.94 14.87 3.96
N GLN B 187 16.98 15.07 2.63
CA GLN B 187 16.11 16.01 1.95
C GLN B 187 15.46 15.36 0.73
N ASP B 188 14.12 15.41 0.71
CA ASP B 188 13.33 15.10 -0.48
C ASP B 188 13.77 15.98 -1.64
N THR B 189 14.31 15.36 -2.71
CA THR B 189 14.83 16.12 -3.85
C THR B 189 14.34 15.45 -5.14
N CYS B 190 13.98 16.26 -6.13
CA CYS B 190 13.55 15.73 -7.43
C CYS B 190 14.28 16.47 -8.54
N GLN B 191 14.29 15.86 -9.73
CA GLN B 191 14.93 16.55 -10.86
C GLN B 191 14.04 17.65 -11.42
N ALA B 192 12.74 17.38 -11.53
CA ALA B 192 11.81 18.33 -12.13
C ALA B 192 11.81 19.68 -11.39
N ASP B 193 11.70 20.77 -12.15
CA ASP B 193 11.73 22.12 -11.59
C ASP B 193 10.59 22.91 -12.21
N TYR B 194 9.54 23.19 -11.45
CA TYR B 194 8.34 23.82 -11.99
C TYR B 194 7.53 24.52 -10.90
N GLU B 195 6.77 25.53 -11.31
CA GLU B 195 5.94 26.27 -10.35
C GLU B 195 4.96 25.33 -9.66
N GLY B 196 4.85 25.46 -8.35
CA GLY B 196 3.94 24.64 -7.60
C GLY B 196 4.45 23.25 -7.32
N ASN B 197 5.73 22.98 -7.60
CA ASN B 197 6.33 21.68 -7.30
C ASN B 197 6.01 21.28 -5.87
N VAL B 198 5.59 20.03 -5.68
CA VAL B 198 5.31 19.53 -4.34
C VAL B 198 6.56 18.94 -3.69
N HIS B 199 7.69 18.92 -4.41
CA HIS B 199 8.97 18.49 -3.90
C HIS B 199 10.01 19.57 -4.18
N LEU B 200 11.15 19.49 -3.50
CA LEU B 200 12.22 20.47 -3.68
C LEU B 200 13.10 20.04 -4.86
N SER B 201 13.25 20.92 -5.87
CA SER B 201 14.11 20.55 -6.99
C SER B 201 15.59 20.55 -6.60
N LEU B 202 16.38 19.75 -7.33
CA LEU B 202 17.83 19.77 -7.13
C LEU B 202 18.39 21.16 -7.38
N LYS B 203 17.86 21.86 -8.38
CA LYS B 203 18.31 23.22 -8.67
C LYS B 203 18.13 24.13 -7.45
N LYS B 204 16.92 24.12 -6.88
CA LYS B 204 16.66 24.94 -5.70
C LYS B 204 17.51 24.51 -4.51
N LEU B 205 17.64 23.20 -4.28
CA LEU B 205 18.50 22.75 -3.20
C LEU B 205 19.91 23.31 -3.35
N SER B 206 20.44 23.29 -4.58
CA SER B 206 21.78 23.81 -4.81
C SER B 206 21.86 25.32 -4.60
N GLU B 207 20.75 26.03 -4.83
CA GLU B 207 20.74 27.48 -4.56
C GLU B 207 20.64 27.82 -3.08
N MET B 208 19.97 26.96 -2.29
CA MET B 208 19.73 27.19 -0.87
C MET B 208 20.84 26.71 0.05
N VAL B 209 21.62 25.71 -0.35
CA VAL B 209 22.65 25.12 0.50
C VAL B 209 23.97 25.30 -0.22
N TRP B 210 24.86 26.09 0.36
CA TRP B 210 26.26 26.13 -0.05
C TRP B 210 27.20 25.46 0.92
N ALA B 211 27.06 25.71 2.23
CA ALA B 211 27.94 25.12 3.23
C ALA B 211 27.47 23.73 3.62
N ASN B 212 28.42 22.86 3.93
CA ASN B 212 28.13 21.52 4.47
C ASN B 212 27.26 20.69 3.53
N ARG B 213 27.44 20.86 2.21
CA ARG B 213 26.71 20.01 1.27
C ARG B 213 27.03 18.53 1.48
N ASP B 214 28.22 18.25 2.01
CA ASP B 214 28.64 16.88 2.27
C ASP B 214 27.82 16.22 3.36
N ARG B 215 27.01 16.98 4.10
CA ARG B 215 26.13 16.41 5.11
C ARG B 215 24.71 16.25 4.61
N VAL B 216 24.46 16.53 3.33
CA VAL B 216 23.12 16.55 2.73
C VAL B 216 22.96 15.31 1.86
N TYR B 217 21.83 14.61 2.03
CA TYR B 217 21.52 13.33 1.42
C TYR B 217 20.19 13.48 0.67
N CYS B 218 20.24 13.40 -0.66
CA CYS B 218 19.04 13.49 -1.48
C CYS B 218 18.27 12.17 -1.45
N MET B 219 16.94 12.25 -1.21
CA MET B 219 16.11 11.07 -1.04
C MET B 219 14.78 11.32 -1.74
N HIS B 220 13.89 10.32 -1.76
CA HIS B 220 12.62 10.39 -2.48
C HIS B 220 12.85 10.70 -3.97
N LEU B 221 13.75 9.92 -4.58
CA LEU B 221 14.28 10.28 -5.90
C LEU B 221 13.32 9.88 -7.01
N ASP B 222 13.05 10.82 -7.94
CA ASP B 222 12.18 10.51 -9.06
C ASP B 222 12.96 9.79 -10.16
N GLY B 223 12.24 9.26 -11.13
CA GLY B 223 12.89 8.45 -12.14
C GLY B 223 13.90 9.21 -12.97
N GLY B 224 13.70 10.52 -13.13
CA GLY B 224 14.64 11.32 -13.89
C GLY B 224 15.80 11.89 -13.09
N PHE B 225 15.97 11.49 -11.83
CA PHE B 225 16.95 12.15 -10.97
C PHE B 225 18.36 11.92 -11.49
N ASN B 226 19.14 12.98 -11.55
CA ASN B 226 20.49 12.92 -12.12
C ASN B 226 21.49 12.83 -10.98
N ARG B 227 21.81 11.59 -10.58
CA ARG B 227 22.72 11.39 -9.44
C ARG B 227 24.10 11.94 -9.75
N GLU B 228 24.55 11.84 -11.00
CA GLU B 228 25.87 12.38 -11.31
C GLU B 228 25.92 13.88 -11.07
N GLN B 229 24.86 14.59 -11.48
CA GLN B 229 24.80 16.03 -11.26
C GLN B 229 24.75 16.36 -9.77
N ALA B 230 23.94 15.61 -9.01
CA ALA B 230 23.88 15.83 -7.56
C ALA B 230 25.24 15.66 -6.93
N GLU B 231 25.98 14.61 -7.32
CA GLU B 231 27.31 14.41 -6.74
C GLU B 231 28.29 15.48 -7.19
N GLU B 232 28.21 15.91 -8.46
CA GLU B 232 29.07 16.99 -8.93
C GLU B 232 28.88 18.24 -8.09
N LEU B 233 27.64 18.52 -7.70
CA LEU B 233 27.34 19.65 -6.84
C LEU B 233 27.82 19.48 -5.40
N GLY B 234 28.18 18.26 -4.98
CA GLY B 234 28.70 18.02 -3.65
C GLY B 234 27.72 17.37 -2.70
N PHE B 235 26.54 16.98 -3.17
CA PHE B 235 25.53 16.30 -2.35
C PHE B 235 25.73 14.79 -2.38
N ASN B 236 25.19 14.12 -1.37
CA ASN B 236 25.10 12.67 -1.38
C ASN B 236 23.75 12.24 -1.93
N VAL B 237 23.70 11.04 -2.49
CA VAL B 237 22.45 10.49 -3.00
C VAL B 237 22.21 9.17 -2.28
N VAL B 238 21.04 9.03 -1.65
CA VAL B 238 20.77 7.78 -0.92
C VAL B 238 20.40 6.68 -1.91
N GLN B 239 20.52 5.43 -1.44
CA GLN B 239 20.06 4.28 -2.18
C GLN B 239 19.51 3.29 -1.16
N PRO B 240 18.72 2.31 -1.59
CA PRO B 240 18.25 1.30 -0.64
C PRO B 240 19.44 0.61 -0.02
N SER B 241 19.28 0.16 1.23
CA SER B 241 20.38 -0.54 1.85
C SER B 241 20.66 -1.86 1.13
N TYR B 242 21.87 -2.38 1.31
CA TYR B 242 22.24 -3.59 0.58
C TYR B 242 21.32 -4.75 0.93
N LYS B 243 20.74 -4.73 2.13
CA LYS B 243 19.69 -5.68 2.49
C LYS B 243 18.55 -5.70 1.48
N PHE B 244 18.25 -4.56 0.86
CA PHE B 244 17.11 -4.46 -0.03
C PHE B 244 17.49 -4.47 -1.50
N MET B 245 18.77 -4.61 -1.82
CA MET B 245 19.21 -4.72 -3.21
C MET B 245 19.66 -6.15 -3.48
N ILE B 246 19.36 -6.64 -4.68
CA ILE B 246 19.72 -8.01 -5.07
C ILE B 246 21.23 -8.26 -5.01
#